data_1O8A
#
_entry.id   1O8A
#
_cell.length_a   56.620
_cell.length_b   85.060
_cell.length_c   133.790
_cell.angle_alpha   90.00
_cell.angle_beta   90.00
_cell.angle_gamma   90.00
#
_symmetry.space_group_name_H-M   'P 21 21 21'
#
loop_
_entity.id
_entity.type
_entity.pdbx_description
1 polymer 'ANGIOTENSIN CONVERTING ENZYME'
2 non-polymer 2-acetamido-2-deoxy-beta-D-glucopyranose
3 non-polymer 'ACETATE ION'
4 non-polymer 'ZINC ION'
5 non-polymer N-CARBOXYALANINE
6 non-polymer 'CHLORIDE ION'
7 water water
#
_entity_poly.entity_id   1
_entity_poly.type   'polypeptide(L)'
_entity_poly.pdbx_seq_one_letter_code
;LVTDEAEASKFVEEYDRTSQVVWNEYAEANWNYNTNITTETSKILLQKNMQIANHTLKYGTQARKFDVNQLQNTTIKRII
KKVQDLERAALPAQELEEYNKILLDMETTYSVATVCHPNGSCLQLEPDLTNVMATSRKYEDLLWAWEGWRDKAGRAILQF
YPKYVELINQAARLNGYVDAGDSWRSMYETPSLEQDLERLFQELQPLYLNLHAYVRRALHRHYGAQHINLEGPIPAHLLG
NMWAQTWSNIYDLVVPFPSAPSMDTTEAMLKQGWTPRRMFKEADDFFTSLGLLPVPPEFWNKSMLEKPTDGREVVCHASA
WDFYNGKDFRIKQCTTVNLEDLVVAHHEMGHIQYFMQYKDLPVALREGANPGFHEAIGDVLALSVSTPKHLHSLNLLSSE
GGSDEHDINFLMKMALDKIAFIPFSYLVDQWRWRVFDGSITKENYNQEWWSLRLKYQGLCPPVPRTQGDFDPGAKFHIPS
SVPYIRYFVSFIIQFQFHEALCQAAGHTGPLHKCDIYQSKEAGQRLATAMKLGFSRPWPEAMQLITGQPNMSASAMLSYF
KPLLDWLRTENELHGEKLGWPQYNWTPNS
;
_entity_poly.pdbx_strand_id   A
#
loop_
_chem_comp.id
_chem_comp.type
_chem_comp.name
_chem_comp.formula
ACT non-polymer 'ACETATE ION' 'C2 H3 O2 -1'
CL non-polymer 'CHLORIDE ION' 'Cl -1'
NAG D-saccharide, beta linking 2-acetamido-2-deoxy-beta-D-glucopyranose 'C8 H15 N O6'
NXA non-polymer N-CARBOXYALANINE 'C4 H7 N O4'
ZN non-polymer 'ZINC ION' 'Zn 2'
#
# COMPACT_ATOMS: atom_id res chain seq x y z
N ASP A 4 34.69 9.91 -22.93
CA ASP A 4 33.33 9.31 -22.88
C ASP A 4 32.79 9.32 -21.45
N GLU A 5 33.70 9.13 -20.49
CA GLU A 5 33.33 9.11 -19.07
C GLU A 5 33.03 10.54 -18.62
N ALA A 6 33.66 11.50 -19.29
CA ALA A 6 33.47 12.92 -18.96
C ALA A 6 32.10 13.39 -19.44
N GLU A 7 31.70 12.94 -20.62
CA GLU A 7 30.39 13.31 -21.17
C GLU A 7 29.30 12.68 -20.31
N ALA A 8 29.61 11.53 -19.72
CA ALA A 8 28.66 10.80 -18.89
C ALA A 8 28.32 11.54 -17.59
N SER A 9 29.32 11.99 -16.86
CA SER A 9 29.09 12.70 -15.61
C SER A 9 28.43 14.05 -15.90
N LYS A 10 28.75 14.62 -17.05
CA LYS A 10 28.18 15.90 -17.47
C LYS A 10 26.71 15.71 -17.83
N PHE A 11 26.43 14.61 -18.52
CA PHE A 11 25.06 14.28 -18.92
C PHE A 11 24.20 14.13 -17.67
N VAL A 12 24.70 13.39 -16.69
CA VAL A 12 23.95 13.17 -15.45
C VAL A 12 23.66 14.47 -14.72
N GLU A 13 24.65 15.36 -14.67
CA GLU A 13 24.48 16.65 -14.01
C GLU A 13 23.38 17.45 -14.71
N GLU A 14 23.41 17.45 -16.03
CA GLU A 14 22.41 18.18 -16.81
C GLU A 14 21.03 17.56 -16.60
N TYR A 15 20.97 16.23 -16.69
CA TYR A 15 19.71 15.53 -16.49
C TYR A 15 19.11 15.88 -15.13
N ASP A 16 19.95 15.88 -14.09
CA ASP A 16 19.48 16.15 -12.74
C ASP A 16 18.93 17.56 -12.51
N ARG A 17 19.66 18.58 -12.95
CA ARG A 17 19.17 19.93 -12.74
C ARG A 17 17.90 20.23 -13.54
N THR A 18 17.81 19.72 -14.77
CA THR A 18 16.62 19.95 -15.58
C THR A 18 15.42 19.13 -15.10
N SER A 19 15.69 17.91 -14.63
CA SER A 19 14.63 17.03 -14.15
C SER A 19 13.95 17.63 -12.93
N GLN A 20 14.74 18.21 -12.03
CA GLN A 20 14.19 18.80 -10.82
C GLN A 20 13.13 19.84 -11.15
N VAL A 21 13.42 20.70 -12.13
CA VAL A 21 12.49 21.74 -12.54
C VAL A 21 11.24 21.19 -13.22
N VAL A 22 11.43 20.36 -14.25
CA VAL A 22 10.29 19.79 -14.96
C VAL A 22 9.41 18.91 -14.06
N TRP A 23 10.03 18.10 -13.21
CA TRP A 23 9.28 17.22 -12.31
C TRP A 23 8.54 18.03 -11.26
N ASN A 24 9.14 19.13 -10.82
CA ASN A 24 8.50 19.97 -9.82
C ASN A 24 7.22 20.56 -10.41
N GLU A 25 7.29 21.01 -11.66
CA GLU A 25 6.13 21.57 -12.32
C GLU A 25 5.03 20.54 -12.50
N TYR A 26 5.42 19.33 -12.89
CA TYR A 26 4.44 18.27 -13.09
C TYR A 26 3.71 17.95 -11.78
N ALA A 27 4.48 17.86 -10.70
CA ALA A 27 3.92 17.55 -9.39
C ALA A 27 2.87 18.59 -9.01
N GLU A 28 3.11 19.84 -9.37
CA GLU A 28 2.17 20.93 -9.08
C GLU A 28 0.84 20.69 -9.78
N ALA A 29 0.91 20.42 -11.08
CA ALA A 29 -0.29 20.17 -11.87
C ALA A 29 -1.02 18.91 -11.39
N ASN A 30 -0.25 17.88 -11.07
CA ASN A 30 -0.81 16.62 -10.61
C ASN A 30 -1.50 16.84 -9.25
N TRP A 31 -0.89 17.66 -8.41
CA TRP A 31 -1.45 17.95 -7.10
C TRP A 31 -2.78 18.72 -7.21
N ASN A 32 -2.80 19.72 -8.08
CA ASN A 32 -4.00 20.53 -8.27
C ASN A 32 -5.18 19.70 -8.77
N TYR A 33 -4.90 18.73 -9.63
CA TYR A 33 -5.96 17.85 -10.13
C TYR A 33 -6.45 16.95 -9.00
N ASN A 34 -5.50 16.28 -8.34
CA ASN A 34 -5.80 15.36 -7.24
C ASN A 34 -6.58 16.00 -6.10
N THR A 35 -6.32 17.28 -5.83
CA THR A 35 -6.99 17.99 -4.75
C THR A 35 -8.12 18.91 -5.23
N ASN A 36 -8.44 18.84 -6.52
CA ASN A 36 -9.49 19.67 -7.10
C ASN A 36 -9.79 19.16 -8.50
N ILE A 37 -10.51 18.05 -8.58
CA ILE A 37 -10.86 17.43 -9.85
C ILE A 37 -11.87 18.25 -10.64
N THR A 38 -11.40 18.88 -11.70
CA THR A 38 -12.24 19.70 -12.57
C THR A 38 -11.79 19.50 -14.01
N THR A 39 -12.60 19.96 -14.95
CA THR A 39 -12.24 19.83 -16.36
C THR A 39 -10.98 20.65 -16.61
N GLU A 40 -10.87 21.79 -15.93
CA GLU A 40 -9.73 22.68 -16.08
C GLU A 40 -8.41 22.07 -15.56
N THR A 41 -8.41 21.60 -14.32
CA THR A 41 -7.21 21.00 -13.75
C THR A 41 -6.84 19.73 -14.51
N SER A 42 -7.83 19.04 -15.05
CA SER A 42 -7.58 17.81 -15.81
C SER A 42 -6.87 18.17 -17.10
N LYS A 43 -7.36 19.20 -17.78
CA LYS A 43 -6.79 19.64 -19.04
C LYS A 43 -5.34 20.08 -18.84
N ILE A 44 -5.08 20.82 -17.76
CA ILE A 44 -3.75 21.30 -17.47
C ILE A 44 -2.80 20.13 -17.17
N LEU A 45 -3.29 19.15 -16.43
CA LEU A 45 -2.48 18.00 -16.09
C LEU A 45 -2.06 17.25 -17.36
N LEU A 46 -3.01 17.03 -18.27
CA LEU A 46 -2.70 16.32 -19.50
C LEU A 46 -1.67 17.08 -20.34
N GLN A 47 -1.69 18.40 -20.25
CA GLN A 47 -0.72 19.21 -20.97
C GLN A 47 0.67 19.07 -20.34
N LYS A 48 0.70 19.04 -19.02
CA LYS A 48 1.98 18.88 -18.33
C LYS A 48 2.57 17.51 -18.60
N ASN A 49 1.71 16.53 -18.88
CA ASN A 49 2.17 15.18 -19.20
C ASN A 49 3.04 15.24 -20.44
N MET A 50 2.56 15.93 -21.46
CA MET A 50 3.29 16.09 -22.72
C MET A 50 4.64 16.77 -22.49
N GLN A 51 4.67 17.75 -21.60
CA GLN A 51 5.90 18.47 -21.32
C GLN A 51 6.95 17.60 -20.64
N ILE A 52 6.56 16.87 -19.61
CA ILE A 52 7.52 16.02 -18.91
C ILE A 52 7.93 14.85 -19.81
N ALA A 53 7.02 14.42 -20.68
CA ALA A 53 7.33 13.33 -21.59
C ALA A 53 8.39 13.82 -22.58
N ASN A 54 8.22 15.05 -23.06
CA ASN A 54 9.17 15.61 -24.00
C ASN A 54 10.56 15.67 -23.37
N HIS A 55 10.62 16.00 -22.08
CA HIS A 55 11.89 16.06 -21.37
C HIS A 55 12.48 14.66 -21.23
N THR A 56 11.63 13.70 -20.91
CA THR A 56 12.07 12.32 -20.74
C THR A 56 12.60 11.76 -22.05
N LEU A 57 11.91 12.06 -23.15
CA LEU A 57 12.31 11.58 -24.47
C LEU A 57 13.68 12.14 -24.86
N LYS A 58 13.87 13.43 -24.64
CA LYS A 58 15.13 14.10 -24.97
C LYS A 58 16.31 13.48 -24.24
N TYR A 59 16.23 13.44 -22.91
CA TYR A 59 17.32 12.88 -22.14
C TYR A 59 17.43 11.36 -22.24
N GLY A 60 16.29 10.70 -22.42
CA GLY A 60 16.29 9.25 -22.57
C GLY A 60 16.98 8.83 -23.86
N THR A 61 16.71 9.59 -24.93
CA THR A 61 17.31 9.31 -26.22
C THR A 61 18.82 9.48 -26.12
N GLN A 62 19.25 10.57 -25.49
CA GLN A 62 20.68 10.83 -25.29
C GLN A 62 21.30 9.71 -24.47
N ALA A 63 20.63 9.33 -23.39
CA ALA A 63 21.11 8.28 -22.50
C ALA A 63 21.38 6.96 -23.21
N ARG A 64 20.53 6.62 -24.16
CA ARG A 64 20.67 5.38 -24.90
C ARG A 64 21.87 5.36 -25.83
N LYS A 65 22.45 6.53 -26.07
CA LYS A 65 23.61 6.62 -26.95
C LYS A 65 24.89 6.23 -26.21
N PHE A 66 24.80 6.12 -24.89
CA PHE A 66 25.96 5.73 -24.09
C PHE A 66 26.00 4.21 -23.98
N ASP A 67 27.20 3.65 -24.01
CA ASP A 67 27.34 2.20 -23.87
C ASP A 67 27.63 2.00 -22.39
N VAL A 68 26.57 1.76 -21.62
CA VAL A 68 26.70 1.56 -20.19
C VAL A 68 27.78 0.56 -19.82
N ASN A 69 28.01 -0.42 -20.69
CA ASN A 69 29.02 -1.44 -20.43
C ASN A 69 30.42 -0.83 -20.32
N GLN A 70 30.65 0.26 -21.04
CA GLN A 70 31.95 0.92 -21.03
C GLN A 70 32.14 1.95 -19.91
N LEU A 71 31.03 2.34 -19.26
CA LEU A 71 31.11 3.32 -18.19
C LEU A 71 31.81 2.78 -16.96
N GLN A 72 32.74 3.57 -16.42
CA GLN A 72 33.52 3.18 -15.25
C GLN A 72 32.84 3.48 -13.92
N ASN A 73 32.45 4.74 -13.72
CA ASN A 73 31.80 5.14 -12.48
C ASN A 73 30.48 4.38 -12.32
N THR A 74 30.38 3.58 -11.27
CA THR A 74 29.18 2.79 -11.02
C THR A 74 27.93 3.66 -10.85
N THR A 75 28.04 4.74 -10.08
CA THR A 75 26.91 5.63 -9.85
C THR A 75 26.42 6.24 -11.16
N ILE A 76 27.36 6.67 -12.01
CA ILE A 76 27.01 7.24 -13.30
C ILE A 76 26.39 6.16 -14.17
N LYS A 77 26.95 4.96 -14.07
CA LYS A 77 26.50 3.80 -14.81
C LYS A 77 25.02 3.48 -14.48
N ARG A 78 24.73 3.45 -13.19
CA ARG A 78 23.39 3.15 -12.68
C ARG A 78 22.35 4.20 -13.09
N ILE A 79 22.70 5.47 -12.97
CA ILE A 79 21.78 6.54 -13.34
C ILE A 79 21.45 6.51 -14.82
N ILE A 80 22.48 6.41 -15.66
CA ILE A 80 22.28 6.40 -17.10
C ILE A 80 21.45 5.20 -17.56
N LYS A 81 21.71 4.02 -17.00
CA LYS A 81 20.94 2.84 -17.37
C LYS A 81 19.46 3.10 -17.07
N LYS A 82 19.20 3.75 -15.95
CA LYS A 82 17.85 4.07 -15.53
C LYS A 82 17.19 5.11 -16.44
N VAL A 83 17.97 6.09 -16.89
CA VAL A 83 17.44 7.13 -17.76
C VAL A 83 17.11 6.59 -19.15
N GLN A 84 17.72 5.47 -19.53
CA GLN A 84 17.45 4.88 -20.85
C GLN A 84 16.02 4.30 -20.90
N ASP A 85 15.38 4.18 -19.75
CA ASP A 85 14.01 3.67 -19.67
C ASP A 85 13.10 4.90 -19.72
N LEU A 86 12.46 5.13 -20.86
CA LEU A 86 11.58 6.30 -21.03
C LEU A 86 10.18 6.07 -20.50
N GLU A 87 9.90 4.86 -20.04
CA GLU A 87 8.57 4.52 -19.56
C GLU A 87 7.52 4.93 -20.59
N ARG A 88 6.41 5.53 -20.16
CA ARG A 88 5.38 5.90 -21.12
C ARG A 88 5.86 6.82 -22.24
N ALA A 89 6.90 7.60 -21.96
CA ALA A 89 7.43 8.53 -22.96
C ALA A 89 7.99 7.80 -24.19
N ALA A 90 8.10 6.48 -24.12
CA ALA A 90 8.60 5.72 -25.27
C ALA A 90 7.51 5.54 -26.32
N LEU A 91 6.26 5.81 -25.93
CA LEU A 91 5.12 5.66 -26.84
C LEU A 91 5.00 6.77 -27.88
N PRO A 92 4.55 6.42 -29.10
CA PRO A 92 4.38 7.43 -30.15
C PRO A 92 3.42 8.48 -29.60
N ALA A 93 3.61 9.74 -29.98
CA ALA A 93 2.79 10.85 -29.52
C ALA A 93 1.30 10.53 -29.42
N GLN A 94 0.75 9.89 -30.45
CA GLN A 94 -0.68 9.56 -30.46
C GLN A 94 -1.07 8.61 -29.34
N GLU A 95 -0.32 7.51 -29.21
CA GLU A 95 -0.60 6.53 -28.17
C GLU A 95 -0.36 7.11 -26.79
N LEU A 96 0.60 8.02 -26.68
CA LEU A 96 0.91 8.64 -25.39
C LEU A 96 -0.26 9.47 -24.89
N GLU A 97 -0.84 10.28 -25.75
CA GLU A 97 -1.95 11.11 -25.31
C GLU A 97 -3.16 10.25 -24.97
N GLU A 98 -3.36 9.16 -25.72
CA GLU A 98 -4.46 8.26 -25.45
C GLU A 98 -4.22 7.55 -24.11
N TYR A 99 -2.98 7.15 -23.88
CA TYR A 99 -2.63 6.48 -22.64
C TYR A 99 -2.80 7.42 -21.44
N ASN A 100 -2.36 8.67 -21.58
CA ASN A 100 -2.50 9.62 -20.48
C ASN A 100 -3.96 9.90 -20.18
N LYS A 101 -4.79 9.99 -21.22
CA LYS A 101 -6.20 10.27 -21.03
C LYS A 101 -6.90 9.08 -20.36
N ILE A 102 -6.50 7.87 -20.76
CA ILE A 102 -7.09 6.66 -20.17
C ILE A 102 -6.80 6.59 -18.67
N LEU A 103 -5.56 6.88 -18.29
CA LEU A 103 -5.18 6.86 -16.88
C LEU A 103 -5.99 7.88 -16.10
N LEU A 104 -6.12 9.08 -16.66
CA LEU A 104 -6.86 10.14 -16.00
C LEU A 104 -8.34 9.76 -15.87
N ASP A 105 -8.91 9.21 -16.93
CA ASP A 105 -10.31 8.82 -16.91
C ASP A 105 -10.58 7.72 -15.88
N MET A 106 -9.65 6.77 -15.76
CA MET A 106 -9.84 5.70 -14.78
C MET A 106 -9.76 6.25 -13.36
N GLU A 107 -8.78 7.12 -13.13
CA GLU A 107 -8.61 7.70 -11.80
C GLU A 107 -9.82 8.53 -11.41
N THR A 108 -10.28 9.37 -12.34
CA THR A 108 -11.43 10.22 -12.08
C THR A 108 -12.69 9.39 -11.82
N THR A 109 -12.93 8.42 -12.68
CA THR A 109 -14.09 7.54 -12.54
C THR A 109 -14.14 6.87 -11.18
N TYR A 110 -13.00 6.39 -10.72
CA TYR A 110 -12.93 5.71 -9.42
C TYR A 110 -13.18 6.67 -8.26
N SER A 111 -12.50 7.80 -8.27
CA SER A 111 -12.60 8.79 -7.20
C SER A 111 -13.89 9.59 -7.05
N VAL A 112 -14.76 9.55 -8.04
CA VAL A 112 -16.02 10.29 -7.94
C VAL A 112 -17.23 9.38 -8.00
N ALA A 113 -17.00 8.07 -7.99
CA ALA A 113 -18.11 7.11 -8.06
C ALA A 113 -18.91 7.08 -6.76
N THR A 114 -20.23 6.94 -6.90
CA THR A 114 -21.10 6.87 -5.73
C THR A 114 -22.11 5.74 -5.88
N VAL A 115 -22.65 5.29 -4.75
CA VAL A 115 -23.65 4.24 -4.73
C VAL A 115 -24.88 4.87 -4.11
N CYS A 116 -25.98 4.93 -4.87
CA CYS A 116 -27.20 5.56 -4.39
C CYS A 116 -28.34 4.63 -4.02
N HIS A 117 -29.22 5.13 -3.14
CA HIS A 117 -30.40 4.42 -2.68
C HIS A 117 -31.58 4.91 -3.52
N PRO A 118 -32.71 4.19 -3.47
CA PRO A 118 -33.91 4.58 -4.23
C PRO A 118 -34.31 6.03 -3.98
N ASN A 119 -34.33 6.43 -2.71
CA ASN A 119 -34.70 7.79 -2.36
C ASN A 119 -33.86 8.83 -3.08
N GLY A 120 -32.56 8.88 -2.76
CA GLY A 120 -31.68 9.84 -3.39
C GLY A 120 -30.41 10.01 -2.58
N SER A 121 -30.28 9.20 -1.54
CA SER A 121 -29.09 9.26 -0.70
C SER A 121 -27.99 8.47 -1.41
N CYS A 122 -26.95 9.19 -1.83
CA CYS A 122 -25.84 8.56 -2.52
C CYS A 122 -24.64 8.55 -1.57
N LEU A 123 -23.93 7.43 -1.55
CA LEU A 123 -22.77 7.30 -0.68
C LEU A 123 -21.46 7.23 -1.45
N GLN A 124 -20.44 7.90 -0.93
CA GLN A 124 -19.12 7.87 -1.54
C GLN A 124 -18.35 6.78 -0.80
N LEU A 125 -17.25 6.30 -1.39
CA LEU A 125 -16.45 5.27 -0.75
C LEU A 125 -15.94 5.76 0.61
N GLU A 126 -15.32 6.93 0.62
CA GLU A 126 -14.81 7.46 1.88
C GLU A 126 -15.64 8.70 2.25
N PRO A 127 -16.22 8.71 3.46
CA PRO A 127 -16.14 7.65 4.48
C PRO A 127 -17.40 6.78 4.57
N ASP A 128 -18.42 7.14 3.79
CA ASP A 128 -19.70 6.45 3.83
C ASP A 128 -19.68 4.94 3.67
N LEU A 129 -19.27 4.44 2.51
CA LEU A 129 -19.25 3.00 2.27
C LEU A 129 -18.26 2.28 3.18
N THR A 130 -17.11 2.92 3.43
CA THR A 130 -16.09 2.35 4.29
C THR A 130 -16.67 2.15 5.69
N ASN A 131 -17.43 3.14 6.16
CA ASN A 131 -18.03 3.03 7.48
C ASN A 131 -19.06 1.90 7.54
N VAL A 132 -19.87 1.75 6.49
CA VAL A 132 -20.87 0.69 6.45
C VAL A 132 -20.19 -0.68 6.54
N MET A 133 -19.15 -0.87 5.72
CA MET A 133 -18.43 -2.14 5.71
C MET A 133 -17.78 -2.45 7.06
N ALA A 134 -17.36 -1.41 7.77
CA ALA A 134 -16.69 -1.57 9.05
C ALA A 134 -17.59 -1.76 10.28
N THR A 135 -18.78 -1.17 10.25
CA THR A 135 -19.67 -1.22 11.40
C THR A 135 -20.96 -2.03 11.29
N SER A 136 -21.50 -2.15 10.09
CA SER A 136 -22.74 -2.90 9.94
C SER A 136 -22.52 -4.40 10.20
N ARG A 137 -23.49 -5.01 10.87
CA ARG A 137 -23.44 -6.44 11.16
C ARG A 137 -24.68 -7.10 10.54
N LYS A 138 -25.24 -6.44 9.52
CA LYS A 138 -26.42 -6.97 8.83
C LYS A 138 -26.03 -7.45 7.43
N TYR A 139 -26.15 -8.76 7.23
CA TYR A 139 -25.79 -9.41 5.96
C TYR A 139 -26.26 -8.67 4.72
N GLU A 140 -27.54 -8.28 4.70
CA GLU A 140 -28.08 -7.58 3.53
C GLU A 140 -27.56 -6.15 3.33
N ASP A 141 -27.26 -5.44 4.42
CA ASP A 141 -26.76 -4.07 4.27
C ASP A 141 -25.31 -4.11 3.80
N LEU A 142 -24.56 -5.08 4.31
CA LEU A 142 -23.16 -5.25 3.91
C LEU A 142 -23.14 -5.62 2.42
N LEU A 143 -24.08 -6.46 2.01
CA LEU A 143 -24.16 -6.90 0.63
C LEU A 143 -24.46 -5.73 -0.31
N TRP A 144 -25.40 -4.88 0.08
CA TRP A 144 -25.77 -3.71 -0.73
C TRP A 144 -24.56 -2.83 -1.02
N ALA A 145 -23.78 -2.53 0.02
CA ALA A 145 -22.60 -1.70 -0.12
C ALA A 145 -21.51 -2.39 -0.94
N TRP A 146 -21.31 -3.67 -0.67
CA TRP A 146 -20.29 -4.47 -1.35
C TRP A 146 -20.58 -4.59 -2.86
N GLU A 147 -21.81 -4.99 -3.19
CA GLU A 147 -22.22 -5.15 -4.58
C GLU A 147 -22.33 -3.80 -5.27
N GLY A 148 -22.94 -2.84 -4.58
CA GLY A 148 -23.12 -1.52 -5.14
C GLY A 148 -21.82 -0.86 -5.56
N TRP A 149 -20.81 -0.93 -4.72
CA TRP A 149 -19.52 -0.33 -5.03
C TRP A 149 -18.95 -0.94 -6.30
N ARG A 150 -19.01 -2.27 -6.39
CA ARG A 150 -18.50 -2.94 -7.56
C ARG A 150 -19.34 -2.59 -8.80
N ASP A 151 -20.65 -2.48 -8.63
CA ASP A 151 -21.51 -2.12 -9.76
C ASP A 151 -21.18 -0.74 -10.33
N LYS A 152 -20.91 0.22 -9.45
CA LYS A 152 -20.62 1.58 -9.89
C LYS A 152 -19.17 1.89 -10.24
N ALA A 153 -18.23 1.43 -9.43
CA ALA A 153 -16.82 1.69 -9.69
C ALA A 153 -16.20 0.63 -10.60
N GLY A 154 -16.34 -0.64 -10.20
CA GLY A 154 -15.78 -1.72 -10.97
C GLY A 154 -16.25 -1.82 -12.42
N ARG A 155 -17.55 -1.90 -12.63
CA ARG A 155 -18.07 -2.00 -13.99
C ARG A 155 -17.67 -0.80 -14.84
N ALA A 156 -17.63 0.38 -14.22
CA ALA A 156 -17.28 1.61 -14.92
C ALA A 156 -15.82 1.66 -15.36
N ILE A 157 -14.97 0.83 -14.77
CA ILE A 157 -13.56 0.83 -15.15
C ILE A 157 -13.31 -0.12 -16.31
N LEU A 158 -14.16 -1.14 -16.45
CA LEU A 158 -13.99 -2.15 -17.49
C LEU A 158 -13.82 -1.62 -18.92
N GLN A 159 -14.52 -0.54 -19.27
CA GLN A 159 -14.40 -0.02 -20.62
C GLN A 159 -13.00 0.52 -20.95
N PHE A 160 -12.24 0.86 -19.91
CA PHE A 160 -10.89 1.40 -20.12
C PHE A 160 -9.73 0.41 -20.01
N TYR A 161 -9.90 -0.62 -19.18
CA TYR A 161 -8.80 -1.56 -18.94
C TYR A 161 -8.12 -2.26 -20.11
N PRO A 162 -8.91 -2.85 -21.02
CA PRO A 162 -8.23 -3.51 -22.14
C PRO A 162 -7.28 -2.61 -22.91
N LYS A 163 -7.67 -1.35 -23.11
CA LYS A 163 -6.83 -0.40 -23.85
C LYS A 163 -5.63 0.01 -23.01
N TYR A 164 -5.85 0.15 -21.71
CA TYR A 164 -4.78 0.50 -20.78
C TYR A 164 -3.70 -0.58 -20.82
N VAL A 165 -4.13 -1.84 -20.78
CA VAL A 165 -3.21 -2.98 -20.81
C VAL A 165 -2.38 -3.00 -22.11
N GLU A 166 -3.05 -2.74 -23.22
CA GLU A 166 -2.38 -2.74 -24.50
C GLU A 166 -1.32 -1.64 -24.53
N LEU A 167 -1.69 -0.44 -24.11
CA LEU A 167 -0.77 0.69 -24.12
C LEU A 167 0.38 0.61 -23.11
N ILE A 168 0.11 0.14 -21.90
CA ILE A 168 1.20 0.05 -20.92
C ILE A 168 2.15 -1.07 -21.33
N ASN A 169 1.61 -2.12 -21.95
CA ASN A 169 2.45 -3.23 -22.41
C ASN A 169 3.32 -2.75 -23.57
N GLN A 170 2.74 -1.94 -24.45
CA GLN A 170 3.47 -1.40 -25.59
C GLN A 170 4.65 -0.56 -25.11
N ALA A 171 4.37 0.33 -24.15
CA ALA A 171 5.42 1.17 -23.58
C ALA A 171 6.52 0.29 -22.98
N ALA A 172 6.11 -0.76 -22.28
CA ALA A 172 7.06 -1.68 -21.67
C ALA A 172 7.98 -2.32 -22.71
N ARG A 173 7.39 -2.80 -23.82
CA ARG A 173 8.18 -3.42 -24.87
C ARG A 173 9.12 -2.40 -25.54
N LEU A 174 8.67 -1.15 -25.63
CA LEU A 174 9.47 -0.12 -26.26
C LEU A 174 10.64 0.29 -25.34
N ASN A 175 10.65 -0.25 -24.13
CA ASN A 175 11.72 0.05 -23.19
C ASN A 175 12.57 -1.20 -22.91
N GLY A 176 12.38 -2.23 -23.72
CA GLY A 176 13.16 -3.45 -23.59
C GLY A 176 12.60 -4.58 -22.73
N TYR A 177 11.37 -4.44 -22.24
CA TYR A 177 10.75 -5.47 -21.42
C TYR A 177 9.79 -6.32 -22.25
N VAL A 178 9.41 -7.49 -21.74
CA VAL A 178 8.47 -8.34 -22.48
C VAL A 178 7.04 -7.85 -22.29
N ASP A 179 6.76 -7.22 -21.15
CA ASP A 179 5.43 -6.67 -20.85
C ASP A 179 5.49 -5.80 -19.59
N ALA A 180 4.37 -5.14 -19.25
CA ALA A 180 4.32 -4.26 -18.08
C ALA A 180 4.67 -4.95 -16.76
N GLY A 181 4.25 -6.21 -16.61
CA GLY A 181 4.54 -6.93 -15.38
C GLY A 181 6.03 -7.10 -15.19
N ASP A 182 6.70 -7.45 -16.30
CA ASP A 182 8.14 -7.63 -16.31
C ASP A 182 8.78 -6.30 -15.90
N SER A 183 8.32 -5.22 -16.50
CA SER A 183 8.83 -3.89 -16.18
C SER A 183 8.70 -3.57 -14.69
N TRP A 184 7.52 -3.82 -14.11
CA TRP A 184 7.29 -3.54 -12.68
C TRP A 184 8.16 -4.40 -11.77
N ARG A 185 8.28 -5.69 -12.08
CA ARG A 185 9.08 -6.57 -11.27
C ARG A 185 10.56 -6.16 -11.27
N SER A 186 11.02 -5.57 -12.37
CA SER A 186 12.41 -5.15 -12.49
C SER A 186 12.81 -4.12 -11.45
N MET A 187 11.82 -3.46 -10.84
CA MET A 187 12.09 -2.45 -9.81
C MET A 187 12.82 -3.03 -8.61
N TYR A 188 12.77 -4.36 -8.47
CA TYR A 188 13.44 -5.02 -7.34
C TYR A 188 14.84 -5.51 -7.67
N GLU A 189 15.20 -5.48 -8.95
CA GLU A 189 16.52 -5.94 -9.39
C GLU A 189 16.84 -7.30 -8.78
N THR A 190 15.84 -8.17 -8.75
CA THR A 190 16.00 -9.49 -8.16
C THR A 190 15.41 -10.56 -9.07
N PRO A 191 16.28 -11.23 -9.86
CA PRO A 191 15.85 -12.28 -10.78
C PRO A 191 15.01 -13.39 -10.13
N SER A 192 15.31 -13.68 -8.86
CA SER A 192 14.57 -14.74 -8.16
C SER A 192 13.30 -14.25 -7.44
N LEU A 193 12.90 -13.00 -7.71
CA LEU A 193 11.73 -12.42 -7.05
C LEU A 193 10.48 -13.30 -6.94
N GLU A 194 9.96 -13.80 -8.06
CA GLU A 194 8.75 -14.61 -8.01
C GLU A 194 8.85 -15.80 -7.08
N GLN A 195 9.98 -16.50 -7.13
CA GLN A 195 10.18 -17.66 -6.27
C GLN A 195 10.33 -17.22 -4.81
N ASP A 196 11.11 -16.17 -4.59
CA ASP A 196 11.32 -15.67 -3.23
C ASP A 196 10.00 -15.30 -2.57
N LEU A 197 9.15 -14.59 -3.29
CA LEU A 197 7.85 -14.18 -2.75
C LEU A 197 6.93 -15.37 -2.49
N GLU A 198 6.99 -16.37 -3.36
CA GLU A 198 6.16 -17.57 -3.20
C GLU A 198 6.57 -18.32 -1.93
N ARG A 199 7.88 -18.41 -1.67
CA ARG A 199 8.36 -19.10 -0.48
C ARG A 199 7.92 -18.35 0.77
N LEU A 200 7.98 -17.01 0.72
CA LEU A 200 7.56 -16.20 1.85
C LEU A 200 6.07 -16.43 2.10
N PHE A 201 5.30 -16.45 1.02
CA PHE A 201 3.86 -16.66 1.16
C PHE A 201 3.56 -18.01 1.81
N GLN A 202 4.24 -19.05 1.35
CA GLN A 202 4.05 -20.39 1.90
C GLN A 202 4.38 -20.50 3.38
N GLU A 203 5.38 -19.75 3.84
CA GLU A 203 5.76 -19.81 5.26
C GLU A 203 4.67 -19.24 6.16
N LEU A 204 3.89 -18.30 5.65
CA LEU A 204 2.83 -17.68 6.43
C LEU A 204 1.48 -18.37 6.27
N GLN A 205 1.43 -19.43 5.45
CA GLN A 205 0.20 -20.18 5.22
C GLN A 205 -0.41 -20.77 6.49
N PRO A 206 0.38 -21.52 7.28
CA PRO A 206 -0.16 -22.10 8.52
C PRO A 206 -0.85 -21.08 9.41
N LEU A 207 -0.23 -19.92 9.55
CA LEU A 207 -0.78 -18.87 10.39
C LEU A 207 -2.06 -18.31 9.76
N TYR A 208 -2.01 -17.99 8.48
CA TYR A 208 -3.21 -17.45 7.83
C TYR A 208 -4.36 -18.46 7.87
N LEU A 209 -4.09 -19.72 7.54
CA LEU A 209 -5.15 -20.72 7.53
C LEU A 209 -5.80 -20.90 8.89
N ASN A 210 -5.00 -20.79 9.96
CA ASN A 210 -5.54 -20.93 11.30
C ASN A 210 -6.38 -19.70 11.67
N LEU A 211 -5.96 -18.53 11.21
CA LEU A 211 -6.73 -17.31 11.51
C LEU A 211 -8.04 -17.36 10.74
N HIS A 212 -7.96 -17.81 9.49
CA HIS A 212 -9.11 -17.93 8.60
C HIS A 212 -10.17 -18.85 9.22
N ALA A 213 -9.74 -20.03 9.65
CA ALA A 213 -10.65 -21.01 10.24
C ALA A 213 -11.30 -20.48 11.52
N TYR A 214 -10.53 -19.78 12.34
CA TYR A 214 -11.04 -19.22 13.59
C TYR A 214 -12.09 -18.14 13.30
N VAL A 215 -11.76 -17.24 12.37
CA VAL A 215 -12.68 -16.17 12.01
C VAL A 215 -13.95 -16.73 11.37
N ARG A 216 -13.79 -17.76 10.53
CA ARG A 216 -14.91 -18.39 9.87
C ARG A 216 -15.88 -18.97 10.91
N ARG A 217 -15.34 -19.54 11.98
CA ARG A 217 -16.17 -20.11 13.04
C ARG A 217 -16.99 -19.01 13.73
N ALA A 218 -16.32 -17.88 14.02
CA ALA A 218 -16.99 -16.75 14.67
C ALA A 218 -18.09 -16.16 13.79
N LEU A 219 -17.85 -16.12 12.49
CA LEU A 219 -18.85 -15.59 11.55
C LEU A 219 -20.04 -16.55 11.50
N HIS A 220 -19.72 -17.85 11.57
CA HIS A 220 -20.74 -18.89 11.55
C HIS A 220 -21.63 -18.66 12.79
N ARG A 221 -20.98 -18.30 13.90
CA ARG A 221 -21.65 -18.03 15.16
C ARG A 221 -22.59 -16.84 15.07
N HIS A 222 -22.15 -15.79 14.37
CA HIS A 222 -22.95 -14.57 14.24
C HIS A 222 -23.97 -14.54 13.12
N TYR A 223 -23.57 -14.93 11.91
CA TYR A 223 -24.47 -14.88 10.77
C TYR A 223 -25.29 -16.12 10.48
N GLY A 224 -25.03 -17.22 11.21
CA GLY A 224 -25.81 -18.43 11.00
C GLY A 224 -25.19 -19.50 10.12
N ALA A 225 -25.50 -20.75 10.43
CA ALA A 225 -24.99 -21.89 9.68
C ALA A 225 -25.44 -21.92 8.23
N GLN A 226 -26.58 -21.29 7.94
CA GLN A 226 -27.09 -21.27 6.57
C GLN A 226 -26.30 -20.32 5.67
N HIS A 227 -25.45 -19.47 6.28
CA HIS A 227 -24.67 -18.52 5.49
C HIS A 227 -23.16 -18.72 5.58
N ILE A 228 -22.71 -19.61 6.45
CA ILE A 228 -21.28 -19.88 6.60
C ILE A 228 -20.98 -21.37 6.55
N ASN A 229 -20.21 -21.79 5.55
CA ASN A 229 -19.83 -23.18 5.42
C ASN A 229 -18.52 -23.35 6.19
N LEU A 230 -18.56 -24.11 7.28
CA LEU A 230 -17.39 -24.34 8.13
C LEU A 230 -16.23 -25.05 7.43
N GLU A 231 -16.47 -25.54 6.22
CA GLU A 231 -15.43 -26.21 5.46
C GLU A 231 -15.21 -25.52 4.11
N GLY A 232 -15.73 -24.31 3.97
CA GLY A 232 -15.58 -23.60 2.71
C GLY A 232 -15.05 -22.18 2.82
N PRO A 233 -15.06 -21.42 1.72
CA PRO A 233 -14.57 -20.04 1.75
C PRO A 233 -15.51 -19.10 2.51
N ILE A 234 -15.00 -17.94 2.88
CA ILE A 234 -15.76 -16.94 3.62
C ILE A 234 -16.32 -15.87 2.70
N PRO A 235 -17.61 -15.52 2.86
CA PRO A 235 -18.21 -14.49 2.01
C PRO A 235 -17.41 -13.19 2.17
N ALA A 236 -16.97 -12.65 1.03
CA ALA A 236 -16.13 -11.46 0.99
C ALA A 236 -16.63 -10.14 1.57
N HIS A 237 -17.91 -10.08 1.93
CA HIS A 237 -18.43 -8.82 2.47
C HIS A 237 -18.53 -8.78 3.99
N LEU A 238 -18.10 -9.84 4.65
CA LEU A 238 -18.21 -9.94 6.12
C LEU A 238 -16.96 -9.67 6.93
N LEU A 239 -15.91 -9.15 6.29
CA LEU A 239 -14.66 -8.94 7.03
C LEU A 239 -14.38 -7.52 7.53
N GLY A 240 -15.37 -6.64 7.45
CA GLY A 240 -15.21 -5.28 7.95
C GLY A 240 -14.47 -4.30 7.06
N ASN A 241 -14.11 -4.77 5.87
CA ASN A 241 -13.38 -3.96 4.91
C ASN A 241 -13.92 -4.24 3.50
N MET A 242 -14.04 -3.20 2.69
CA MET A 242 -14.58 -3.33 1.34
C MET A 242 -13.94 -4.42 0.48
N TRP A 243 -12.64 -4.65 0.67
CA TRP A 243 -11.92 -5.64 -0.12
C TRP A 243 -11.51 -6.86 0.72
N ALA A 244 -11.94 -6.87 1.99
CA ALA A 244 -11.58 -7.95 2.89
C ALA A 244 -10.06 -8.11 2.96
N GLN A 245 -9.33 -7.01 2.76
CA GLN A 245 -7.87 -7.06 2.79
C GLN A 245 -7.31 -6.98 4.21
N THR A 246 -8.09 -6.40 5.11
CA THR A 246 -7.72 -6.28 6.52
C THR A 246 -9.03 -6.55 7.26
N TRP A 247 -8.95 -7.31 8.35
CA TRP A 247 -10.15 -7.69 9.09
C TRP A 247 -10.30 -7.14 10.51
N SER A 248 -9.47 -6.18 10.89
CA SER A 248 -9.54 -5.67 12.26
C SER A 248 -10.87 -5.06 12.69
N ASN A 249 -11.69 -4.64 11.73
CA ASN A 249 -12.97 -4.04 12.07
C ASN A 249 -14.02 -5.02 12.61
N ILE A 250 -13.79 -6.32 12.47
CA ILE A 250 -14.74 -7.29 13.04
C ILE A 250 -14.13 -7.91 14.29
N TYR A 251 -13.19 -7.19 14.90
CA TYR A 251 -12.55 -7.66 16.12
C TYR A 251 -13.59 -8.03 17.18
N ASP A 252 -14.65 -7.22 17.26
CA ASP A 252 -15.72 -7.44 18.23
C ASP A 252 -16.38 -8.81 18.09
N LEU A 253 -16.44 -9.32 16.86
CA LEU A 253 -17.06 -10.61 16.61
C LEU A 253 -16.13 -11.80 16.89
N VAL A 254 -14.83 -11.55 17.00
CA VAL A 254 -13.88 -12.64 17.21
C VAL A 254 -12.95 -12.50 18.41
N VAL A 255 -13.23 -11.55 19.30
CA VAL A 255 -12.37 -11.35 20.47
C VAL A 255 -12.08 -12.68 21.20
N PRO A 256 -10.80 -13.03 21.37
CA PRO A 256 -10.42 -14.27 22.05
C PRO A 256 -10.93 -14.34 23.50
N PHE A 257 -10.69 -13.27 24.26
CA PHE A 257 -11.12 -13.21 25.64
C PHE A 257 -12.00 -11.99 25.87
N PRO A 258 -13.31 -12.13 25.61
CA PRO A 258 -14.27 -11.03 25.78
C PRO A 258 -14.37 -10.53 27.22
N SER A 259 -13.84 -11.31 28.16
CA SER A 259 -13.88 -10.92 29.57
C SER A 259 -12.96 -9.72 29.79
N ALA A 260 -11.88 -9.66 29.03
CA ALA A 260 -10.93 -8.56 29.14
C ALA A 260 -11.35 -7.49 28.14
N PRO A 261 -12.17 -6.52 28.59
CA PRO A 261 -12.63 -5.46 27.70
C PRO A 261 -11.51 -4.55 27.20
N SER A 262 -11.71 -4.01 26.00
CA SER A 262 -10.75 -3.11 25.39
C SER A 262 -11.43 -1.78 25.16
N MET A 263 -10.76 -0.68 25.50
CA MET A 263 -11.33 0.64 25.32
C MET A 263 -11.70 0.92 23.87
N ASP A 264 -12.73 1.73 23.69
CA ASP A 264 -13.16 2.12 22.35
C ASP A 264 -12.19 3.20 21.91
N THR A 265 -11.08 2.79 21.30
CA THR A 265 -10.05 3.72 20.84
C THR A 265 -10.62 4.89 20.04
N THR A 266 -11.49 4.59 19.09
CA THR A 266 -12.11 5.64 18.27
C THR A 266 -12.92 6.57 19.15
N GLU A 267 -13.73 5.99 20.03
CA GLU A 267 -14.54 6.78 20.94
C GLU A 267 -13.62 7.66 21.78
N ALA A 268 -12.51 7.08 22.21
CA ALA A 268 -11.55 7.81 23.03
C ALA A 268 -10.99 8.98 22.22
N MET A 269 -10.52 8.69 21.01
CA MET A 269 -9.97 9.74 20.14
C MET A 269 -10.98 10.88 19.94
N LEU A 270 -12.20 10.51 19.56
CA LEU A 270 -13.25 11.49 19.34
C LEU A 270 -13.58 12.19 20.67
N LYS A 271 -13.68 11.39 21.72
CA LYS A 271 -14.00 11.90 23.05
C LYS A 271 -13.08 13.05 23.47
N GLN A 272 -11.77 12.88 23.26
CA GLN A 272 -10.85 13.94 23.63
C GLN A 272 -10.44 14.83 22.46
N GLY A 273 -11.38 15.01 21.54
CA GLY A 273 -11.18 15.88 20.40
C GLY A 273 -9.95 15.70 19.52
N TRP A 274 -9.57 14.46 19.23
CA TRP A 274 -8.42 14.26 18.36
C TRP A 274 -8.86 14.71 16.97
N THR A 275 -7.93 15.30 16.22
CA THR A 275 -8.23 15.77 14.87
C THR A 275 -7.20 15.21 13.90
N PRO A 276 -7.46 15.32 12.59
CA PRO A 276 -6.50 14.81 11.61
C PRO A 276 -5.13 15.45 11.84
N ARG A 277 -5.11 16.75 12.09
CA ARG A 277 -3.85 17.46 12.32
C ARG A 277 -3.13 16.89 13.54
N ARG A 278 -3.89 16.58 14.59
CA ARG A 278 -3.33 16.02 15.80
C ARG A 278 -2.68 14.67 15.50
N MET A 279 -3.38 13.88 14.70
CA MET A 279 -2.91 12.55 14.32
C MET A 279 -1.55 12.62 13.63
N PHE A 280 -1.41 13.52 12.66
CA PHE A 280 -0.14 13.65 11.96
C PHE A 280 0.92 14.26 12.88
N LYS A 281 0.50 15.12 13.80
CA LYS A 281 1.42 15.74 14.74
C LYS A 281 2.04 14.67 15.62
N GLU A 282 1.23 13.70 16.05
CA GLU A 282 1.73 12.60 16.88
C GLU A 282 2.73 11.76 16.08
N ALA A 283 2.40 11.51 14.82
CA ALA A 283 3.28 10.73 13.94
C ALA A 283 4.61 11.47 13.83
N ASP A 284 4.54 12.77 13.57
CA ASP A 284 5.74 13.58 13.43
C ASP A 284 6.59 13.49 14.70
N ASP A 285 5.92 13.43 15.85
CA ASP A 285 6.63 13.33 17.13
C ASP A 285 7.36 12.01 17.26
N PHE A 286 6.74 10.92 16.79
CA PHE A 286 7.39 9.62 16.89
C PHE A 286 8.68 9.62 16.08
N PHE A 287 8.63 10.13 14.85
CA PHE A 287 9.83 10.18 14.03
C PHE A 287 10.96 10.98 14.69
N THR A 288 10.64 12.17 15.22
CA THR A 288 11.66 12.98 15.86
C THR A 288 12.19 12.34 17.14
N SER A 289 11.35 11.58 17.82
CA SER A 289 11.78 10.92 19.06
C SER A 289 12.90 9.94 18.76
N LEU A 290 12.94 9.47 17.52
CA LEU A 290 13.96 8.52 17.10
C LEU A 290 15.21 9.24 16.57
N GLY A 291 15.15 10.56 16.56
CA GLY A 291 16.29 11.33 16.07
C GLY A 291 16.12 11.61 14.59
N LEU A 292 15.02 11.13 14.01
CA LEU A 292 14.73 11.34 12.59
C LEU A 292 14.26 12.77 12.33
N LEU A 293 14.09 13.11 11.05
CA LEU A 293 13.69 14.46 10.67
C LEU A 293 12.22 14.83 10.83
N PRO A 294 11.95 16.08 11.23
CA PRO A 294 10.57 16.54 11.41
C PRO A 294 10.12 17.07 10.05
N VAL A 295 8.82 17.07 9.78
CA VAL A 295 8.36 17.59 8.50
C VAL A 295 8.50 19.12 8.53
N PRO A 296 8.83 19.72 7.36
CA PRO A 296 8.99 21.17 7.28
C PRO A 296 7.70 21.93 7.58
N PRO A 297 7.82 23.18 8.04
CA PRO A 297 6.64 23.99 8.36
C PRO A 297 5.70 24.04 7.15
N GLU A 298 6.30 24.10 5.96
CA GLU A 298 5.57 24.15 4.70
C GLU A 298 4.59 22.98 4.54
N PHE A 299 4.94 21.83 5.13
CA PHE A 299 4.11 20.63 5.07
C PHE A 299 2.73 20.88 5.68
N TRP A 300 2.73 21.43 6.89
CA TRP A 300 1.49 21.71 7.60
C TRP A 300 0.58 22.70 6.87
N ASN A 301 1.18 23.57 6.08
CA ASN A 301 0.42 24.57 5.35
C ASN A 301 -0.14 24.12 3.99
N LYS A 302 0.61 23.29 3.28
CA LYS A 302 0.16 22.84 1.96
C LYS A 302 -0.54 21.48 1.87
N SER A 303 -0.35 20.63 2.87
CA SER A 303 -0.98 19.30 2.85
C SER A 303 -2.51 19.37 2.97
N MET A 304 -3.16 18.35 2.44
CA MET A 304 -4.62 18.24 2.52
C MET A 304 -4.85 17.05 3.44
N LEU A 305 -4.92 17.32 4.74
CA LEU A 305 -5.10 16.25 5.73
C LEU A 305 -6.56 15.88 6.00
N GLU A 306 -7.48 16.60 5.37
CA GLU A 306 -8.92 16.33 5.55
C GLU A 306 -9.64 16.45 4.22
N LYS A 307 -10.75 15.73 4.10
CA LYS A 307 -11.57 15.78 2.89
C LYS A 307 -12.19 17.18 2.83
N PRO A 308 -11.95 17.90 1.74
CA PRO A 308 -12.52 19.25 1.61
C PRO A 308 -14.04 19.29 1.69
N THR A 309 -14.56 20.33 2.33
CA THR A 309 -15.99 20.55 2.45
C THR A 309 -16.27 21.64 1.44
N ASP A 310 -15.19 22.02 0.76
CA ASP A 310 -15.15 23.05 -0.27
C ASP A 310 -16.18 22.83 -1.37
N GLY A 311 -16.87 21.70 -1.34
CA GLY A 311 -17.82 21.40 -2.39
C GLY A 311 -16.94 21.02 -3.56
N ARG A 312 -15.70 20.70 -3.21
CA ARG A 312 -14.66 20.32 -4.16
C ARG A 312 -14.59 18.79 -4.25
N GLU A 313 -14.22 18.27 -5.42
CA GLU A 313 -14.10 16.84 -5.61
C GLU A 313 -12.60 16.51 -5.60
N VAL A 314 -12.22 15.46 -4.87
CA VAL A 314 -10.82 15.09 -4.78
C VAL A 314 -10.55 13.58 -4.78
N VAL A 315 -9.28 13.22 -4.89
CA VAL A 315 -8.87 11.82 -4.83
C VAL A 315 -8.57 11.62 -3.35
N CYS A 316 -9.46 10.94 -2.65
CA CYS A 316 -9.29 10.72 -1.22
C CYS A 316 -8.22 9.73 -0.77
N HIS A 317 -7.95 8.73 -1.60
CA HIS A 317 -6.97 7.70 -1.25
C HIS A 317 -5.66 8.33 -0.76
N ALA A 318 -5.25 7.96 0.45
CA ALA A 318 -4.03 8.50 1.05
C ALA A 318 -2.78 8.37 0.19
N SER A 319 -1.99 9.44 0.15
CA SER A 319 -0.74 9.44 -0.62
C SER A 319 0.22 10.52 -0.13
N ALA A 320 1.50 10.28 -0.36
CA ALA A 320 2.57 11.19 0.04
C ALA A 320 3.22 11.74 -1.21
N TRP A 321 3.56 13.02 -1.19
CA TRP A 321 4.13 13.68 -2.35
C TRP A 321 5.51 14.32 -2.18
N ASP A 322 6.38 14.04 -3.14
CA ASP A 322 7.72 14.61 -3.17
C ASP A 322 7.67 15.59 -4.35
N PHE A 323 7.90 16.88 -4.10
CA PHE A 323 7.86 17.87 -5.17
C PHE A 323 9.23 18.13 -5.79
N TYR A 324 10.17 17.24 -5.51
CA TYR A 324 11.53 17.28 -6.04
C TYR A 324 12.33 18.58 -5.95
N ASN A 325 12.17 19.34 -4.87
CA ASN A 325 12.97 20.56 -4.72
C ASN A 325 13.65 20.49 -3.37
N GLY A 326 13.49 19.34 -2.71
CA GLY A 326 14.09 19.12 -1.40
C GLY A 326 13.51 19.95 -0.28
N LYS A 327 12.38 20.60 -0.56
CA LYS A 327 11.76 21.45 0.45
C LYS A 327 10.26 21.24 0.62
N ASP A 328 9.57 21.05 -0.51
CA ASP A 328 8.13 20.88 -0.52
C ASP A 328 7.66 19.42 -0.53
N PHE A 329 7.17 18.96 0.61
CA PHE A 329 6.65 17.58 0.73
C PHE A 329 5.25 17.69 1.30
N ARG A 330 4.32 16.90 0.78
CA ARG A 330 2.95 16.96 1.26
C ARG A 330 2.23 15.62 1.32
N ILE A 331 1.16 15.60 2.10
CA ILE A 331 0.33 14.41 2.23
C ILE A 331 -1.10 14.81 1.86
N LYS A 332 -1.77 13.94 1.10
CA LYS A 332 -3.15 14.15 0.67
C LYS A 332 -3.95 12.94 1.16
N GLN A 333 -4.79 13.16 2.16
CA GLN A 333 -5.57 12.06 2.73
C GLN A 333 -6.86 12.58 3.34
N CYS A 334 -7.98 11.93 3.04
CA CYS A 334 -9.26 12.34 3.63
C CYS A 334 -9.34 11.58 4.94
N THR A 335 -8.49 12.01 5.87
CA THR A 335 -8.34 11.39 7.17
C THR A 335 -9.58 11.35 8.04
N THR A 336 -9.85 10.18 8.61
CA THR A 336 -10.98 9.99 9.51
C THR A 336 -10.35 9.79 10.89
N VAL A 337 -11.03 10.26 11.93
CA VAL A 337 -10.52 10.13 13.28
C VAL A 337 -10.81 8.78 13.93
N ASN A 338 -9.86 7.86 13.78
CA ASN A 338 -9.93 6.52 14.35
C ASN A 338 -8.55 5.90 14.32
N LEU A 339 -8.38 4.76 14.97
CA LEU A 339 -7.09 4.10 15.03
C LEU A 339 -6.58 3.63 13.68
N GLU A 340 -7.49 3.12 12.84
CA GLU A 340 -7.11 2.64 11.52
C GLU A 340 -6.40 3.74 10.71
N ASP A 341 -6.97 4.93 10.72
CA ASP A 341 -6.39 6.06 9.99
C ASP A 341 -5.14 6.63 10.68
N LEU A 342 -5.00 6.36 11.98
CA LEU A 342 -3.83 6.84 12.70
C LEU A 342 -2.64 6.06 12.16
N VAL A 343 -2.85 4.76 11.95
CA VAL A 343 -1.81 3.90 11.40
C VAL A 343 -1.50 4.35 9.98
N VAL A 344 -2.54 4.66 9.21
CA VAL A 344 -2.32 5.10 7.83
C VAL A 344 -1.53 6.41 7.81
N ALA A 345 -1.80 7.27 8.79
CA ALA A 345 -1.10 8.54 8.88
C ALA A 345 0.40 8.30 9.07
N HIS A 346 0.74 7.33 9.92
CA HIS A 346 2.15 7.00 10.17
C HIS A 346 2.75 6.44 8.88
N HIS A 347 1.97 5.61 8.20
CA HIS A 347 2.40 4.99 6.94
C HIS A 347 2.85 6.08 5.97
N GLU A 348 1.99 7.08 5.78
CA GLU A 348 2.27 8.19 4.88
C GLU A 348 3.43 9.07 5.35
N MET A 349 3.51 9.29 6.66
CA MET A 349 4.59 10.10 7.21
C MET A 349 5.92 9.37 6.99
N GLY A 350 5.83 8.06 6.87
CA GLY A 350 7.01 7.25 6.61
C GLY A 350 7.52 7.57 5.21
N HIS A 351 6.61 7.76 4.26
CA HIS A 351 7.00 8.09 2.89
C HIS A 351 7.69 9.46 2.90
N ILE A 352 7.10 10.41 3.63
CA ILE A 352 7.66 11.76 3.73
C ILE A 352 9.07 11.73 4.32
N GLN A 353 9.29 10.87 5.32
CA GLN A 353 10.60 10.77 5.94
C GLN A 353 11.61 10.28 4.92
N TYR A 354 11.21 9.32 4.10
CA TYR A 354 12.10 8.78 3.08
C TYR A 354 12.46 9.90 2.09
N PHE A 355 11.48 10.69 1.67
CA PHE A 355 11.73 11.80 0.74
C PHE A 355 12.79 12.73 1.32
N MET A 356 12.61 13.12 2.57
CA MET A 356 13.55 14.02 3.23
C MET A 356 14.93 13.43 3.41
N GLN A 357 14.99 12.13 3.71
CA GLN A 357 16.26 11.46 3.93
C GLN A 357 17.15 11.36 2.68
N TYR A 358 16.56 11.16 1.50
CA TYR A 358 17.38 11.06 0.29
C TYR A 358 17.27 12.26 -0.66
N LYS A 359 16.75 13.37 -0.15
CA LYS A 359 16.56 14.58 -0.96
C LYS A 359 17.82 15.14 -1.62
N ASP A 360 19.00 14.76 -1.15
CA ASP A 360 20.24 15.28 -1.72
C ASP A 360 20.90 14.39 -2.76
N LEU A 361 20.27 13.26 -3.07
CA LEU A 361 20.83 12.36 -4.07
C LEU A 361 20.32 12.76 -5.43
N PRO A 362 20.98 12.31 -6.51
CA PRO A 362 20.51 12.66 -7.85
C PRO A 362 19.05 12.16 -7.92
N VAL A 363 18.17 12.94 -8.54
CA VAL A 363 16.75 12.55 -8.62
C VAL A 363 16.49 11.13 -9.10
N ALA A 364 17.34 10.62 -9.99
CA ALA A 364 17.15 9.28 -10.51
C ALA A 364 17.30 8.24 -9.40
N LEU A 365 17.98 8.61 -8.32
CA LEU A 365 18.20 7.69 -7.22
C LEU A 365 17.32 8.01 -6.02
N ARG A 366 16.38 8.92 -6.20
CA ARG A 366 15.48 9.30 -5.12
C ARG A 366 14.27 8.36 -5.03
N GLU A 367 14.53 7.13 -4.60
CA GLU A 367 13.51 6.11 -4.42
C GLU A 367 13.97 5.22 -3.28
N GLY A 368 13.10 4.32 -2.83
CA GLY A 368 13.49 3.43 -1.75
C GLY A 368 14.40 2.34 -2.27
N ALA A 369 15.08 1.63 -1.37
CA ALA A 369 15.98 0.54 -1.78
C ALA A 369 15.23 -0.27 -2.84
N ASN A 370 13.94 -0.49 -2.58
CA ASN A 370 13.02 -1.13 -3.52
C ASN A 370 11.67 -0.59 -3.05
N PRO A 371 10.63 -0.70 -3.88
CA PRO A 371 9.32 -0.19 -3.47
C PRO A 371 8.82 -0.64 -2.10
N GLY A 372 9.16 -1.87 -1.71
CA GLY A 372 8.73 -2.38 -0.43
C GLY A 372 9.25 -1.58 0.75
N PHE A 373 10.53 -1.19 0.69
CA PHE A 373 11.14 -0.39 1.76
C PHE A 373 10.37 0.90 1.98
N HIS A 374 10.00 1.56 0.88
CA HIS A 374 9.28 2.83 0.97
C HIS A 374 7.95 2.65 1.72
N GLU A 375 7.28 1.52 1.47
CA GLU A 375 6.01 1.23 2.11
C GLU A 375 6.14 0.80 3.57
N ALA A 376 7.30 0.24 3.93
CA ALA A 376 7.50 -0.28 5.27
C ALA A 376 7.86 0.69 6.40
N ILE A 377 8.60 1.76 6.09
CA ILE A 377 9.03 2.72 7.12
C ILE A 377 7.96 3.16 8.11
N GLY A 378 6.89 3.75 7.61
CA GLY A 378 5.82 4.22 8.47
C GLY A 378 5.19 3.10 9.29
N ASP A 379 4.96 1.96 8.65
CA ASP A 379 4.37 0.81 9.31
C ASP A 379 5.21 0.34 10.49
N VAL A 380 6.53 0.38 10.33
CA VAL A 380 7.40 -0.06 11.41
C VAL A 380 7.12 0.75 12.68
N LEU A 381 7.05 2.07 12.56
CA LEU A 381 6.77 2.90 13.73
C LEU A 381 5.35 2.65 14.22
N ALA A 382 4.40 2.50 13.30
CA ALA A 382 3.02 2.26 13.68
C ALA A 382 2.88 0.99 14.52
N LEU A 383 3.77 0.02 14.32
CA LEU A 383 3.72 -1.22 15.09
C LEU A 383 3.90 -0.88 16.57
N SER A 384 4.85 0.01 16.88
CA SER A 384 5.10 0.40 18.25
C SER A 384 3.94 1.22 18.81
N VAL A 385 3.42 2.13 17.99
CA VAL A 385 2.30 2.98 18.38
C VAL A 385 1.07 2.16 18.76
N SER A 386 0.87 1.05 18.05
CA SER A 386 -0.27 0.17 18.28
C SER A 386 -0.26 -0.65 19.58
N THR A 387 0.91 -0.79 20.19
CA THR A 387 0.99 -1.57 21.42
C THR A 387 0.05 -0.99 22.48
N PRO A 388 -0.64 -1.86 23.24
CA PRO A 388 -1.56 -1.39 24.26
C PRO A 388 -0.94 -0.32 25.16
N LYS A 389 0.30 -0.56 25.58
CA LYS A 389 0.98 0.38 26.46
C LYS A 389 1.17 1.74 25.82
N HIS A 390 1.57 1.78 24.55
CA HIS A 390 1.77 3.07 23.90
C HIS A 390 0.43 3.80 23.75
N LEU A 391 -0.60 3.07 23.34
CA LEU A 391 -1.92 3.66 23.17
C LEU A 391 -2.37 4.23 24.50
N HIS A 392 -2.04 3.54 25.59
CA HIS A 392 -2.43 4.02 26.91
C HIS A 392 -1.71 5.32 27.23
N SER A 393 -0.47 5.45 26.75
CA SER A 393 0.32 6.66 27.01
C SER A 393 -0.29 7.85 26.28
N LEU A 394 -1.09 7.58 25.25
CA LEU A 394 -1.75 8.64 24.49
C LEU A 394 -3.14 8.86 25.06
N ASN A 395 -3.44 8.11 26.11
CA ASN A 395 -4.73 8.18 26.79
C ASN A 395 -5.83 7.62 25.90
N LEU A 396 -5.50 6.60 25.12
CA LEU A 396 -6.46 5.95 24.22
C LEU A 396 -6.77 4.54 24.66
N LEU A 397 -6.17 4.12 25.77
CA LEU A 397 -6.39 2.80 26.33
C LEU A 397 -6.31 2.89 27.86
N SER A 398 -6.81 1.86 28.53
CA SER A 398 -6.79 1.82 29.99
C SER A 398 -6.21 0.52 30.52
N SER A 403 -0.29 -9.38 31.04
CA SER A 403 -1.47 -10.24 31.03
C SER A 403 -1.56 -11.09 29.77
N ASP A 404 -1.59 -12.40 29.95
CA ASP A 404 -1.67 -13.32 28.82
C ASP A 404 -2.92 -13.08 27.98
N GLU A 405 -4.08 -13.09 28.62
CA GLU A 405 -5.33 -12.87 27.89
C GLU A 405 -5.36 -11.55 27.15
N HIS A 406 -4.67 -10.55 27.69
CA HIS A 406 -4.61 -9.25 27.01
C HIS A 406 -3.62 -9.36 25.86
N ASP A 407 -2.64 -10.23 26.00
CA ASP A 407 -1.64 -10.43 24.97
C ASP A 407 -2.28 -11.09 23.75
N ILE A 408 -3.11 -12.10 23.98
CA ILE A 408 -3.76 -12.82 22.89
C ILE A 408 -4.78 -11.91 22.20
N ASN A 409 -5.52 -11.13 22.99
CA ASN A 409 -6.50 -10.22 22.40
C ASN A 409 -5.76 -9.22 21.51
N PHE A 410 -4.62 -8.72 21.99
CA PHE A 410 -3.83 -7.76 21.22
C PHE A 410 -3.26 -8.37 19.96
N LEU A 411 -2.64 -9.54 20.08
CA LEU A 411 -2.07 -10.22 18.93
C LEU A 411 -3.16 -10.50 17.90
N MET A 412 -4.37 -10.81 18.37
CA MET A 412 -5.47 -11.08 17.45
C MET A 412 -5.83 -9.82 16.69
N LYS A 413 -5.88 -8.68 17.39
CA LYS A 413 -6.21 -7.44 16.72
C LYS A 413 -5.14 -7.15 15.65
N MET A 414 -3.88 -7.37 15.99
CA MET A 414 -2.79 -7.14 15.05
C MET A 414 -2.85 -8.12 13.86
N ALA A 415 -3.15 -9.38 14.16
CA ALA A 415 -3.22 -10.40 13.10
C ALA A 415 -4.35 -10.14 12.11
N LEU A 416 -5.47 -9.66 12.62
CA LEU A 416 -6.61 -9.38 11.76
C LEU A 416 -6.22 -8.42 10.63
N ASP A 417 -5.21 -7.59 10.87
CA ASP A 417 -4.76 -6.67 9.84
C ASP A 417 -3.52 -7.19 9.10
N LYS A 418 -2.45 -7.44 9.84
CA LYS A 418 -1.19 -7.90 9.25
C LYS A 418 -1.18 -9.27 8.58
N ILE A 419 -1.81 -10.28 9.20
CA ILE A 419 -1.82 -11.61 8.63
C ILE A 419 -2.85 -11.75 7.50
N ALA A 420 -4.05 -11.24 7.74
CA ALA A 420 -5.12 -11.32 6.74
C ALA A 420 -4.68 -10.63 5.45
N PHE A 421 -3.86 -9.61 5.56
CA PHE A 421 -3.41 -8.86 4.40
C PHE A 421 -2.38 -9.59 3.53
N ILE A 422 -1.69 -10.58 4.10
CA ILE A 422 -0.68 -11.32 3.37
C ILE A 422 -1.19 -11.94 2.05
N PRO A 423 -2.22 -12.79 2.11
CA PRO A 423 -2.68 -13.37 0.84
C PRO A 423 -3.27 -12.35 -0.13
N PHE A 424 -3.92 -11.31 0.40
CA PHE A 424 -4.51 -10.30 -0.48
C PHE A 424 -3.41 -9.54 -1.21
N SER A 425 -2.41 -9.07 -0.47
CA SER A 425 -1.32 -8.31 -1.08
C SER A 425 -0.52 -9.13 -2.08
N TYR A 426 -0.55 -10.45 -1.92
CA TYR A 426 0.16 -11.36 -2.81
C TYR A 426 -0.63 -11.55 -4.11
N LEU A 427 -1.94 -11.68 -3.95
CA LEU A 427 -2.86 -11.94 -5.05
C LEU A 427 -3.00 -10.86 -6.12
N VAL A 428 -3.06 -9.60 -5.71
CA VAL A 428 -3.27 -8.51 -6.65
C VAL A 428 -2.37 -8.51 -7.88
N ASP A 429 -1.06 -8.52 -7.69
CA ASP A 429 -0.17 -8.52 -8.84
C ASP A 429 0.03 -9.91 -9.46
N GLN A 430 -0.40 -10.96 -8.77
CA GLN A 430 -0.30 -12.27 -9.40
C GLN A 430 -1.32 -12.21 -10.53
N TRP A 431 -2.43 -11.51 -10.28
CA TRP A 431 -3.48 -11.33 -11.27
C TRP A 431 -3.01 -10.39 -12.38
N ARG A 432 -2.46 -9.23 -12.02
CA ARG A 432 -2.00 -8.27 -13.03
C ARG A 432 -0.84 -8.78 -13.89
N TRP A 433 0.10 -9.51 -13.28
CA TRP A 433 1.23 -10.03 -14.06
C TRP A 433 0.72 -10.96 -15.15
N ARG A 434 -0.34 -11.71 -14.86
CA ARG A 434 -0.91 -12.64 -15.83
C ARG A 434 -1.76 -11.91 -16.86
N VAL A 435 -2.29 -10.75 -16.47
CA VAL A 435 -3.07 -9.95 -17.41
C VAL A 435 -2.07 -9.35 -18.38
N PHE A 436 -1.00 -8.79 -17.82
CA PHE A 436 0.06 -8.17 -18.60
C PHE A 436 0.76 -9.14 -19.56
N ASP A 437 1.04 -10.37 -19.11
CA ASP A 437 1.72 -11.31 -20.00
C ASP A 437 0.76 -12.03 -20.94
N GLY A 438 -0.50 -11.59 -20.96
CA GLY A 438 -1.48 -12.18 -21.85
C GLY A 438 -2.16 -13.48 -21.45
N SER A 439 -1.84 -14.02 -20.28
CA SER A 439 -2.46 -15.27 -19.81
C SER A 439 -3.94 -15.11 -19.51
N ILE A 440 -4.33 -13.90 -19.09
CA ILE A 440 -5.73 -13.60 -18.77
C ILE A 440 -6.25 -12.54 -19.75
N THR A 441 -7.22 -12.91 -20.58
CA THR A 441 -7.80 -11.99 -21.54
C THR A 441 -8.97 -11.28 -20.89
N LYS A 442 -9.48 -10.24 -21.53
CA LYS A 442 -10.59 -9.48 -20.97
C LYS A 442 -11.82 -10.35 -20.79
N GLU A 443 -11.83 -11.49 -21.46
CA GLU A 443 -12.95 -12.42 -21.37
C GLU A 443 -12.91 -13.12 -20.01
N ASN A 444 -11.71 -13.24 -19.44
CA ASN A 444 -11.55 -13.92 -18.16
C ASN A 444 -11.03 -13.08 -16.99
N TYR A 445 -11.01 -11.76 -17.16
CA TYR A 445 -10.55 -10.86 -16.09
C TYR A 445 -11.12 -11.22 -14.72
N ASN A 446 -12.43 -11.11 -14.61
CA ASN A 446 -13.12 -11.34 -13.34
C ASN A 446 -13.07 -12.76 -12.83
N GLN A 447 -13.22 -13.72 -13.74
CA GLN A 447 -13.20 -15.12 -13.32
C GLN A 447 -11.85 -15.50 -12.71
N GLU A 448 -10.76 -15.00 -13.29
CA GLU A 448 -9.43 -15.31 -12.78
C GLU A 448 -9.17 -14.55 -11.48
N TRP A 449 -9.77 -13.38 -11.34
CA TRP A 449 -9.62 -12.60 -10.11
C TRP A 449 -10.22 -13.41 -8.95
N TRP A 450 -11.42 -13.94 -9.15
CA TRP A 450 -12.04 -14.72 -8.10
C TRP A 450 -11.40 -16.09 -7.86
N SER A 451 -10.80 -16.68 -8.88
CA SER A 451 -10.12 -17.96 -8.68
C SER A 451 -8.94 -17.71 -7.74
N LEU A 452 -8.32 -16.54 -7.86
CA LEU A 452 -7.19 -16.19 -7.02
C LEU A 452 -7.68 -15.80 -5.63
N ARG A 453 -8.82 -15.11 -5.58
CA ARG A 453 -9.43 -14.69 -4.32
C ARG A 453 -9.71 -15.92 -3.48
N LEU A 454 -10.18 -16.99 -4.14
CA LEU A 454 -10.47 -18.25 -3.46
C LEU A 454 -9.16 -18.96 -3.10
N LYS A 455 -8.30 -19.18 -4.09
CA LYS A 455 -7.04 -19.88 -3.87
C LYS A 455 -6.16 -19.29 -2.77
N TYR A 456 -5.99 -17.98 -2.75
CA TYR A 456 -5.14 -17.37 -1.72
C TYR A 456 -5.83 -16.92 -0.45
N GLN A 457 -6.95 -16.22 -0.55
CA GLN A 457 -7.65 -15.73 0.65
C GLN A 457 -8.74 -16.64 1.18
N GLY A 458 -9.18 -17.60 0.37
CA GLY A 458 -10.25 -18.47 0.83
C GLY A 458 -11.54 -17.69 0.95
N LEU A 459 -11.78 -16.78 0.02
CA LEU A 459 -13.00 -15.99 0.03
C LEU A 459 -13.86 -16.31 -1.19
N CYS A 460 -15.16 -16.06 -1.07
CA CYS A 460 -16.10 -16.27 -2.17
C CYS A 460 -16.98 -15.03 -2.29
N PRO A 461 -17.48 -14.75 -3.50
CA PRO A 461 -18.34 -13.58 -3.69
C PRO A 461 -19.74 -13.88 -3.16
N PRO A 462 -20.28 -13.01 -2.29
CA PRO A 462 -21.63 -13.20 -1.72
C PRO A 462 -22.72 -13.22 -2.78
N VAL A 463 -22.43 -12.60 -3.91
CA VAL A 463 -23.36 -12.56 -5.04
C VAL A 463 -22.62 -13.08 -6.26
N PRO A 464 -23.19 -14.07 -6.96
CA PRO A 464 -22.50 -14.60 -8.14
C PRO A 464 -22.20 -13.48 -9.14
N ARG A 465 -20.98 -13.47 -9.67
CA ARG A 465 -20.60 -12.44 -10.62
C ARG A 465 -21.20 -12.74 -12.00
N THR A 466 -21.40 -11.71 -12.80
CA THR A 466 -21.97 -11.86 -14.13
C THR A 466 -21.16 -11.09 -15.16
N GLN A 467 -21.41 -11.37 -16.43
CA GLN A 467 -20.69 -10.70 -17.51
C GLN A 467 -20.83 -9.20 -17.35
N GLY A 468 -19.73 -8.48 -17.49
CA GLY A 468 -19.79 -7.04 -17.32
C GLY A 468 -19.16 -6.61 -16.01
N ASP A 469 -19.08 -7.53 -15.04
CA ASP A 469 -18.47 -7.18 -13.75
C ASP A 469 -16.95 -7.13 -13.90
N PHE A 470 -16.32 -6.19 -13.21
CA PHE A 470 -14.87 -6.03 -13.22
C PHE A 470 -14.50 -5.59 -11.81
N ASP A 471 -14.59 -6.54 -10.88
CA ASP A 471 -14.31 -6.26 -9.49
C ASP A 471 -12.91 -5.69 -9.23
N PRO A 472 -11.89 -6.12 -10.01
CA PRO A 472 -10.56 -5.56 -9.77
C PRO A 472 -10.58 -4.03 -9.90
N GLY A 473 -11.46 -3.54 -10.77
CA GLY A 473 -11.55 -2.11 -10.98
C GLY A 473 -12.07 -1.34 -9.78
N ALA A 474 -12.63 -2.06 -8.82
CA ALA A 474 -13.18 -1.46 -7.62
C ALA A 474 -12.12 -1.31 -6.51
N LYS A 475 -10.87 -1.64 -6.85
CA LYS A 475 -9.77 -1.52 -5.90
C LYS A 475 -8.87 -0.39 -6.44
N PHE A 476 -8.72 0.67 -5.66
CA PHE A 476 -7.94 1.85 -6.05
C PHE A 476 -6.73 1.62 -6.96
N HIS A 477 -5.78 0.82 -6.49
CA HIS A 477 -4.55 0.58 -7.23
C HIS A 477 -4.65 0.03 -8.64
N ILE A 478 -5.79 -0.58 -8.97
CA ILE A 478 -5.98 -1.12 -10.32
C ILE A 478 -6.17 0.01 -11.33
N PRO A 479 -7.26 0.80 -11.20
CA PRO A 479 -7.43 1.88 -12.17
C PRO A 479 -6.35 2.97 -12.06
N SER A 480 -5.77 3.10 -10.86
CA SER A 480 -4.72 4.10 -10.62
C SER A 480 -3.36 3.61 -11.11
N SER A 481 -3.30 2.36 -11.55
CA SER A 481 -2.06 1.77 -12.06
C SER A 481 -0.87 1.91 -11.10
N VAL A 482 -1.09 1.53 -9.85
CA VAL A 482 -0.05 1.58 -8.82
C VAL A 482 0.28 0.12 -8.48
N PRO A 483 1.53 -0.31 -8.70
CA PRO A 483 1.93 -1.69 -8.40
C PRO A 483 1.58 -2.07 -6.96
N TYR A 484 1.25 -3.33 -6.73
CA TYR A 484 0.83 -3.77 -5.40
C TYR A 484 1.75 -4.72 -4.62
N ILE A 485 2.62 -5.44 -5.32
CA ILE A 485 3.51 -6.39 -4.64
C ILE A 485 4.37 -5.72 -3.56
N ARG A 486 4.58 -4.41 -3.70
CA ARG A 486 5.34 -3.65 -2.72
C ARG A 486 4.72 -3.76 -1.32
N TYR A 487 3.40 -3.92 -1.25
CA TYR A 487 2.73 -4.02 0.04
C TYR A 487 2.93 -5.39 0.69
N PHE A 488 3.09 -6.42 -0.14
CA PHE A 488 3.33 -7.78 0.35
C PHE A 488 4.75 -7.78 0.93
N VAL A 489 5.69 -7.22 0.17
CA VAL A 489 7.07 -7.14 0.61
C VAL A 489 7.14 -6.34 1.91
N SER A 490 6.47 -5.19 1.93
CA SER A 490 6.44 -4.34 3.11
C SER A 490 5.97 -5.05 4.38
N PHE A 491 4.86 -5.77 4.30
CA PHE A 491 4.36 -6.45 5.47
C PHE A 491 5.32 -7.51 6.02
N ILE A 492 6.11 -8.11 5.15
CA ILE A 492 7.07 -9.10 5.60
C ILE A 492 8.27 -8.42 6.25
N ILE A 493 8.92 -7.53 5.50
CA ILE A 493 10.11 -6.86 6.00
C ILE A 493 9.89 -5.88 7.15
N GLN A 494 8.69 -5.32 7.26
CA GLN A 494 8.47 -4.39 8.36
C GLN A 494 8.64 -5.09 9.71
N PHE A 495 8.35 -6.38 9.76
CA PHE A 495 8.52 -7.12 11.01
C PHE A 495 10.00 -7.41 11.20
N GLN A 496 10.72 -7.59 10.10
CA GLN A 496 12.16 -7.82 10.17
C GLN A 496 12.81 -6.55 10.71
N PHE A 497 12.32 -5.39 10.28
CA PHE A 497 12.85 -4.12 10.74
C PHE A 497 12.48 -3.91 12.21
N HIS A 498 11.24 -4.22 12.55
CA HIS A 498 10.78 -4.09 13.93
C HIS A 498 11.69 -4.92 14.84
N GLU A 499 11.90 -6.19 14.47
CA GLU A 499 12.75 -7.09 15.25
C GLU A 499 14.15 -6.52 15.45
N ALA A 500 14.79 -6.10 14.36
CA ALA A 500 16.13 -5.54 14.42
C ALA A 500 16.21 -4.26 15.24
N LEU A 501 15.27 -3.35 15.00
CA LEU A 501 15.25 -2.07 15.72
C LEU A 501 15.05 -2.28 17.22
N CYS A 502 14.22 -3.25 17.59
CA CYS A 502 13.95 -3.54 18.99
C CYS A 502 15.20 -4.09 19.64
N GLN A 503 15.91 -4.97 18.93
CA GLN A 503 17.13 -5.54 19.45
C GLN A 503 18.14 -4.41 19.65
N ALA A 504 18.20 -3.50 18.69
CA ALA A 504 19.12 -2.36 18.77
C ALA A 504 18.74 -1.43 19.92
N ALA A 505 17.45 -1.42 20.27
CA ALA A 505 16.96 -0.57 21.35
C ALA A 505 17.13 -1.25 22.72
N GLY A 506 17.68 -2.45 22.71
CA GLY A 506 17.89 -3.18 23.95
C GLY A 506 16.66 -3.86 24.52
N HIS A 507 15.64 -4.05 23.69
CA HIS A 507 14.41 -4.70 24.14
C HIS A 507 14.65 -6.19 24.37
N THR A 508 14.02 -6.72 25.40
CA THR A 508 14.15 -8.14 25.71
C THR A 508 12.75 -8.67 25.95
N GLY A 509 12.56 -9.98 25.71
CA GLY A 509 11.26 -10.58 25.91
C GLY A 509 10.45 -10.63 24.63
N PRO A 510 9.16 -10.98 24.70
CA PRO A 510 8.29 -11.07 23.53
C PRO A 510 8.40 -9.86 22.61
N LEU A 511 8.65 -10.12 21.33
CA LEU A 511 8.78 -9.07 20.34
C LEU A 511 7.55 -8.16 20.25
N HIS A 512 6.35 -8.74 20.38
CA HIS A 512 5.13 -7.95 20.28
C HIS A 512 4.95 -6.92 21.39
N LYS A 513 5.79 -6.98 22.43
CA LYS A 513 5.69 -6.03 23.53
C LYS A 513 6.66 -4.84 23.34
N CYS A 514 7.45 -4.90 22.28
CA CYS A 514 8.42 -3.84 22.00
C CYS A 514 7.81 -2.52 21.51
N ASP A 515 8.39 -1.42 21.98
CA ASP A 515 7.99 -0.07 21.61
C ASP A 515 9.30 0.69 21.48
N ILE A 516 9.69 0.99 20.24
CA ILE A 516 10.95 1.68 19.99
C ILE A 516 10.91 3.19 20.17
N TYR A 517 9.80 3.70 20.72
CA TYR A 517 9.68 5.13 20.92
C TYR A 517 10.90 5.74 21.60
N GLN A 518 11.38 6.85 21.05
CA GLN A 518 12.54 7.59 21.55
C GLN A 518 13.91 6.91 21.41
N SER A 519 13.95 5.74 20.77
CA SER A 519 15.21 5.04 20.59
C SER A 519 16.07 5.65 19.48
N LYS A 520 17.19 6.25 19.87
CA LYS A 520 18.08 6.86 18.91
C LYS A 520 18.85 5.81 18.11
N GLU A 521 19.12 4.67 18.73
CA GLU A 521 19.83 3.58 18.05
C GLU A 521 18.95 3.07 16.89
N ALA A 522 17.65 2.99 17.14
CA ALA A 522 16.70 2.52 16.14
C ALA A 522 16.67 3.52 14.99
N GLY A 523 16.47 4.79 15.33
CA GLY A 523 16.42 5.82 14.31
C GLY A 523 17.67 5.89 13.45
N GLN A 524 18.83 5.69 14.06
CA GLN A 524 20.08 5.75 13.32
C GLN A 524 20.15 4.69 12.22
N ARG A 525 19.63 3.51 12.50
CA ARG A 525 19.67 2.44 11.49
C ARG A 525 18.74 2.74 10.33
N LEU A 526 17.55 3.27 10.62
CA LEU A 526 16.60 3.60 9.58
C LEU A 526 17.14 4.74 8.72
N ALA A 527 17.75 5.72 9.37
CA ALA A 527 18.31 6.88 8.69
C ALA A 527 19.41 6.53 7.70
N THR A 528 20.39 5.74 8.14
CA THR A 528 21.48 5.37 7.26
C THR A 528 20.97 4.57 6.06
N ALA A 529 19.96 3.74 6.31
CA ALA A 529 19.39 2.94 5.24
C ALA A 529 18.61 3.82 4.27
N MET A 530 17.78 4.71 4.80
CA MET A 530 17.00 5.59 3.94
C MET A 530 17.85 6.53 3.11
N LYS A 531 18.98 6.97 3.68
CA LYS A 531 19.86 7.88 2.97
C LYS A 531 20.46 7.31 1.69
N LEU A 532 20.48 5.97 1.58
CA LEU A 532 21.01 5.32 0.39
C LEU A 532 20.06 5.49 -0.79
N GLY A 533 18.80 5.78 -0.52
CA GLY A 533 17.84 5.91 -1.59
C GLY A 533 17.90 4.66 -2.46
N PHE A 534 17.96 4.87 -3.78
CA PHE A 534 18.03 3.77 -4.74
C PHE A 534 19.46 3.66 -5.30
N SER A 535 20.44 4.13 -4.54
CA SER A 535 21.84 4.12 -4.97
C SER A 535 22.55 2.76 -4.95
N ARG A 536 22.04 1.82 -4.15
CA ARG A 536 22.67 0.50 -4.05
C ARG A 536 21.62 -0.61 -4.08
N PRO A 537 22.01 -1.84 -4.44
CA PRO A 537 21.06 -2.95 -4.48
C PRO A 537 20.41 -3.02 -3.09
N TRP A 538 19.10 -3.24 -3.03
CA TRP A 538 18.41 -3.25 -1.74
C TRP A 538 18.97 -4.17 -0.65
N PRO A 539 19.60 -5.30 -1.02
CA PRO A 539 20.13 -6.15 0.06
C PRO A 539 21.06 -5.40 1.00
N GLU A 540 21.71 -4.34 0.49
CA GLU A 540 22.61 -3.54 1.31
C GLU A 540 21.84 -2.77 2.37
N ALA A 541 20.70 -2.20 1.99
CA ALA A 541 19.88 -1.46 2.94
C ALA A 541 19.30 -2.45 3.95
N MET A 542 19.01 -3.67 3.49
CA MET A 542 18.46 -4.70 4.36
C MET A 542 19.51 -5.07 5.40
N GLN A 543 20.76 -5.19 4.95
CA GLN A 543 21.86 -5.54 5.83
C GLN A 543 22.10 -4.45 6.87
N LEU A 544 22.08 -3.19 6.43
CA LEU A 544 22.30 -2.07 7.33
C LEU A 544 21.30 -2.04 8.48
N ILE A 545 20.05 -2.43 8.20
CA ILE A 545 19.03 -2.42 9.22
C ILE A 545 18.98 -3.68 10.08
N THR A 546 19.08 -4.84 9.44
CA THR A 546 18.95 -6.12 10.13
C THR A 546 20.21 -6.97 10.36
N GLY A 547 21.32 -6.63 9.72
CA GLY A 547 22.52 -7.42 9.93
C GLY A 547 22.62 -8.60 9.00
N GLN A 548 21.62 -8.77 8.14
CA GLN A 548 21.63 -9.85 7.14
C GLN A 548 21.04 -9.25 5.86
N PRO A 549 21.22 -9.93 4.70
CA PRO A 549 20.70 -9.37 3.45
C PRO A 549 19.40 -9.86 2.81
N ASN A 550 18.77 -10.89 3.36
CA ASN A 550 17.56 -11.42 2.74
C ASN A 550 16.23 -11.04 3.37
N MET A 551 15.16 -11.27 2.62
CA MET A 551 13.81 -11.02 3.11
C MET A 551 13.56 -12.32 3.87
N SER A 552 12.79 -12.25 4.96
CA SER A 552 12.52 -13.46 5.74
C SER A 552 11.25 -13.30 6.53
N ALA A 553 10.46 -14.38 6.58
CA ALA A 553 9.20 -14.37 7.33
C ALA A 553 9.42 -14.71 8.81
N SER A 554 10.66 -15.03 9.17
CA SER A 554 10.99 -15.39 10.55
C SER A 554 10.55 -14.37 11.59
N ALA A 555 10.82 -13.10 11.34
CA ALA A 555 10.45 -12.05 12.29
C ALA A 555 8.93 -11.99 12.50
N MET A 556 8.19 -11.98 11.41
CA MET A 556 6.73 -11.92 11.50
C MET A 556 6.19 -13.15 12.25
N LEU A 557 6.73 -14.32 11.95
CA LEU A 557 6.28 -15.55 12.62
C LEU A 557 6.63 -15.49 14.11
N SER A 558 7.82 -14.99 14.42
CA SER A 558 8.26 -14.85 15.81
C SER A 558 7.32 -13.89 16.56
N TYR A 559 6.97 -12.78 15.91
CA TYR A 559 6.07 -11.79 16.50
C TYR A 559 4.73 -12.43 16.86
N PHE A 560 4.18 -13.25 15.96
CA PHE A 560 2.89 -13.89 16.19
C PHE A 560 2.89 -15.30 16.81
N LYS A 561 4.06 -15.82 17.14
CA LYS A 561 4.17 -17.16 17.71
C LYS A 561 3.14 -17.47 18.81
N PRO A 562 3.01 -16.60 19.82
CA PRO A 562 2.03 -16.89 20.88
C PRO A 562 0.62 -17.05 20.32
N LEU A 563 0.28 -16.27 19.30
CA LEU A 563 -1.04 -16.35 18.71
C LEU A 563 -1.20 -17.63 17.92
N LEU A 564 -0.19 -18.00 17.15
CA LEU A 564 -0.24 -19.22 16.35
C LEU A 564 -0.53 -20.43 17.25
N ASP A 565 0.14 -20.49 18.40
CA ASP A 565 -0.05 -21.59 19.33
C ASP A 565 -1.48 -21.56 19.90
N TRP A 566 -1.97 -20.37 20.22
CA TRP A 566 -3.32 -20.25 20.76
C TRP A 566 -4.36 -20.68 19.71
N LEU A 567 -4.14 -20.27 18.47
CA LEU A 567 -5.06 -20.60 17.37
C LEU A 567 -5.12 -22.10 17.10
N ARG A 568 -3.97 -22.76 17.11
CA ARG A 568 -3.94 -24.19 16.87
C ARG A 568 -4.71 -24.92 17.95
N THR A 569 -4.50 -24.53 19.20
CA THR A 569 -5.20 -25.16 20.32
C THR A 569 -6.70 -24.90 20.22
N GLU A 570 -7.07 -23.66 19.91
CA GLU A 570 -8.47 -23.29 19.78
C GLU A 570 -9.15 -24.00 18.61
N ASN A 571 -8.52 -23.96 17.43
CA ASN A 571 -9.09 -24.61 16.25
C ASN A 571 -9.18 -26.12 16.44
N GLU A 572 -8.18 -26.68 17.12
CA GLU A 572 -8.15 -28.11 17.37
C GLU A 572 -9.30 -28.59 18.26
N LEU A 573 -9.55 -27.87 19.35
CA LEU A 573 -10.61 -28.28 20.25
C LEU A 573 -12.00 -28.16 19.62
N HIS A 574 -12.12 -27.33 18.57
CA HIS A 574 -13.40 -27.17 17.88
C HIS A 574 -13.45 -28.05 16.64
N GLY A 575 -12.38 -28.79 16.41
CA GLY A 575 -12.33 -29.68 15.25
C GLY A 575 -12.44 -28.97 13.92
N GLU A 576 -11.76 -27.85 13.78
CA GLU A 576 -11.81 -27.09 12.53
C GLU A 576 -11.05 -27.81 11.42
N LYS A 577 -11.59 -27.71 10.21
CA LYS A 577 -10.96 -28.29 9.03
C LYS A 577 -10.34 -27.10 8.30
N LEU A 578 -9.03 -26.92 8.44
CA LEU A 578 -8.34 -25.80 7.80
C LEU A 578 -8.46 -25.85 6.29
N GLY A 579 -8.51 -24.66 5.68
CA GLY A 579 -8.62 -24.59 4.23
C GLY A 579 -10.03 -24.68 3.72
N TRP A 580 -10.16 -24.94 2.43
CA TRP A 580 -11.46 -25.02 1.78
C TRP A 580 -11.44 -26.00 0.61
N PRO A 581 -11.68 -27.29 0.89
CA PRO A 581 -11.70 -28.34 -0.14
C PRO A 581 -12.68 -28.07 -1.27
N GLN A 582 -13.91 -28.05 -0.98
C1 NAG B . -10.75 24.22 -8.29
C2 NAG B . -10.38 25.52 -7.48
C3 NAG B . -11.10 26.71 -8.19
C4 NAG B . -10.52 26.81 -9.61
C5 NAG B . -10.87 25.46 -10.37
C6 NAG B . -10.39 25.40 -11.76
C7 NAG B . -10.18 25.55 -4.99
C8 NAG B . -10.89 25.43 -3.74
N2 NAG B . -10.94 25.42 -6.13
O3 NAG B . -10.80 27.93 -7.47
O4 NAG B . -11.16 27.90 -10.30
O5 NAG B . -10.20 24.35 -9.61
O6 NAG B . -11.00 24.35 -12.47
O7 NAG B . -9.05 25.76 -5.02
C1 NAG C . 8.75 19.03 -27.07
C2 NAG C . 9.48 19.48 -28.40
C3 NAG C . 9.16 21.02 -28.58
C4 NAG C . 7.63 21.17 -28.70
C5 NAG C . 6.96 20.63 -27.35
C6 NAG C . 5.49 20.73 -27.31
C7 NAG C . 11.78 19.90 -27.31
C8 NAG C . 13.19 19.59 -27.42
N2 NAG C . 10.97 19.34 -28.27
O3 NAG C . 9.81 21.47 -29.78
O4 NAG C . 7.32 22.56 -28.86
O5 NAG C . 7.34 19.19 -27.25
O6 NAG C . 4.98 20.26 -26.08
O7 NAG C . 11.40 20.60 -26.46
C1 NAG D . 30.94 8.86 -9.59
C2 NAG D . 31.88 9.32 -8.42
C3 NAG D . 30.98 9.98 -7.33
C4 NAG D . 30.31 11.21 -7.98
C5 NAG D . 29.41 10.70 -9.19
C6 NAG D . 28.67 11.75 -9.91
C7 NAG D . 33.82 7.81 -7.96
C8 NAG D . 34.25 6.59 -7.28
N2 NAG D . 32.51 8.14 -7.81
O3 NAG D . 31.80 10.40 -6.24
O4 NAG D . 29.46 11.84 -7.01
O5 NAG D . 30.34 10.03 -10.16
O6 NAG D . 29.50 12.77 -10.38
O7 NAG D . 34.55 8.45 -8.58
C1 NAG E . -32.70 7.06 1.96
C2 NAG E . -33.51 7.64 3.19
C3 NAG E . -32.46 7.93 4.32
C4 NAG E . -31.82 6.58 4.69
C5 NAG E . -31.08 6.00 3.40
C6 NAG E . -30.39 4.71 3.61
C7 NAG E . -35.35 9.35 3.25
C8 NAG E . -35.76 10.67 2.79
N2 NAG E . -34.10 8.94 2.83
O3 NAG E . -33.14 8.46 5.46
O4 NAG E . -30.84 6.80 5.72
O5 NAG E . -32.14 5.81 2.36
O6 NAG E . -28.99 4.87 3.62
O7 NAG E . -36.03 8.70 3.92
C1 NAG F . 0.15 27.92 6.44
C2 NAG F . -1.25 28.36 7.03
C3 NAG F . -1.57 29.76 6.39
C4 NAG F . -0.46 30.74 6.84
C5 NAG F . 0.93 30.21 6.28
C6 NAG F . 2.10 31.04 6.61
C7 NAG F . -2.85 26.48 7.38
C8 NAG F . -3.87 25.65 6.75
N2 NAG F . -2.29 27.43 6.57
O3 NAG F . -2.84 30.21 6.88
O4 NAG F . -0.72 32.04 6.27
O5 NAG F . 1.14 28.85 6.88
O6 NAG F . 3.16 30.82 5.71
O7 NAG F . -2.55 26.33 8.48
C1 NAG G . 19.98 -15.53 2.02
C2 NAG G . 19.66 -17.01 2.45
C3 NAG G . 20.32 -17.93 1.37
C4 NAG G . 19.68 -17.62 0.01
C5 NAG G . 19.97 -16.09 -0.31
C6 NAG G . 19.44 -15.59 -1.60
C7 NAG G . 19.65 -17.44 4.90
C8 NAG G . 20.47 -17.77 6.05
N2 NAG G . 20.32 -17.32 3.72
O3 NAG G . 20.07 -19.30 1.72
O4 NAG G . 20.28 -18.44 -0.99
O5 NAG G . 19.33 -15.30 0.77
O6 NAG G . 20.03 -14.36 -1.93
O7 NAG G . 18.50 -17.31 5.00
C ACT H . 0.60 4.71 -0.66
O ACT H . 1.09 3.53 -0.65
OXT ACT H . 0.82 5.66 0.22
CH3 ACT H . -0.35 5.12 -1.78
ZN ZN I . 2.44 3.75 0.90
N NXA J . -2.18 1.34 1.53
CA NXA J . -2.61 0.09 0.87
C NXA J . -4.07 -0.14 0.39
O NXA J . -4.84 0.88 0.65
CB NXA J . -2.42 -0.84 2.05
OD1 NXA J . -1.97 3.51 1.47
OD2 NXA J . -2.44 2.45 -0.54
C1 NXA J . -2.22 2.44 0.73
OXT NXA J . -4.73 -1.07 -0.19
CL CL K . -13.46 -8.04 -5.07
CL CL L . 6.15 -2.70 -6.49
#